data_7C4D
#
_entry.id   7C4D
#
_cell.length_a   67.000
_cell.length_b   67.000
_cell.length_c   62.000
_cell.angle_alpha   90.000
_cell.angle_beta   90.000
_cell.angle_gamma   120.000
#
_symmetry.space_group_name_H-M   'P 32'
#
loop_
_entity.id
_entity.type
_entity.pdbx_description
1 polymer 'Putative esterase'
2 non-polymer 1,2-ETHANEDIOL
3 non-polymer 'ACETATE ION'
4 non-polymer 'SULFATE ION'
5 water water
#
_entity_poly.entity_id   1
_entity_poly.type   'polypeptide(L)'
_entity_poly.pdbx_seq_one_letter_code
;QGTSSMADIGSLELFFRKKGESGEPLIILHGLYGSGDNWISIANELKDYFQVYLIDQRNHGRSPHADDMSYESMAEDLHE
FIKSQNLESVNIIGHSMGGKTAMWFTAAHPDKVKKLIVADIAPGKYDTTSPNVKTHKKIIAALKSIDPSEAKTRKEIETQ
LSRYIDNVQLRMFLLKNIERKEDGCYRWKINIDSIEKNIINIMSGITGIDIPVHVPALFLKGELSDYITDKDIPLIKEIF
PDAKLVTIPGAGHWLHAQQPKIFIQKTLEFL
;
_entity_poly.pdbx_strand_id   A
#
loop_
_chem_comp.id
_chem_comp.type
_chem_comp.name
_chem_comp.formula
ACT non-polymer 'ACETATE ION' 'C2 H3 O2 -1'
EDO non-polymer 1,2-ETHANEDIOL 'C2 H6 O2'
SO4 non-polymer 'SULFATE ION' 'O4 S -2'
#
# COMPACT_ATOMS: atom_id res chain seq x y z
N SER A 11 16.35 8.85 -2.20
CA SER A 11 15.18 9.04 -3.10
C SER A 11 15.42 8.26 -4.38
N LEU A 12 14.46 7.39 -4.68
CA LEU A 12 14.44 6.61 -5.90
C LEU A 12 13.40 7.23 -6.82
N GLU A 13 13.58 7.01 -8.13
CA GLU A 13 12.58 7.32 -9.16
C GLU A 13 11.59 6.17 -9.22
N LEU A 14 10.33 6.46 -8.86
CA LEU A 14 9.34 5.38 -8.81
C LEU A 14 8.76 5.18 -10.21
N PHE A 15 8.59 3.91 -10.57
CA PHE A 15 7.78 3.55 -11.72
C PHE A 15 6.31 3.86 -11.45
N PHE A 16 5.62 4.35 -12.48
CA PHE A 16 4.19 4.66 -12.45
C PHE A 16 3.57 4.44 -13.83
N ARG A 17 2.25 4.30 -13.80
CA ARG A 17 1.37 4.34 -14.95
CA ARG A 17 1.38 4.35 -14.96
C ARG A 17 0.25 5.35 -14.66
N LYS A 18 -0.17 6.09 -15.68
CA LYS A 18 -1.21 7.11 -15.53
C LYS A 18 -2.45 6.72 -16.34
N LYS A 19 -3.61 6.66 -15.68
CA LYS A 19 -4.89 6.47 -16.33
C LYS A 19 -5.72 7.72 -16.11
N GLY A 20 -6.17 8.34 -17.20
CA GLY A 20 -7.02 9.52 -17.14
C GLY A 20 -6.23 10.76 -17.55
N GLU A 21 -6.83 11.63 -18.35
N GLU A 21 -6.84 11.61 -18.37
CA GLU A 21 -6.14 12.82 -18.85
CA GLU A 21 -6.22 12.79 -18.94
C GLU A 21 -6.73 14.11 -18.29
C GLU A 21 -6.73 14.09 -18.29
N SER A 22 -7.89 14.06 -17.62
CA SER A 22 -8.43 15.27 -17.01
C SER A 22 -8.95 15.05 -15.59
N GLY A 23 -8.95 16.12 -14.81
CA GLY A 23 -9.31 16.09 -13.40
C GLY A 23 -8.12 16.35 -12.48
N GLU A 24 -8.42 16.43 -11.18
CA GLU A 24 -7.37 16.56 -10.18
C GLU A 24 -6.53 15.28 -10.14
N PRO A 25 -5.24 15.35 -9.78
CA PRO A 25 -4.41 14.15 -9.72
C PRO A 25 -4.87 13.33 -8.54
N LEU A 26 -4.73 12.01 -8.70
CA LEU A 26 -5.06 11.06 -7.67
C LEU A 26 -3.93 10.02 -7.71
N ILE A 27 -3.19 9.94 -6.61
CA ILE A 27 -2.08 9.00 -6.48
C ILE A 27 -2.55 7.82 -5.64
N ILE A 28 -2.32 6.59 -6.15
CA ILE A 28 -2.68 5.40 -5.40
C ILE A 28 -1.38 4.65 -5.00
N LEU A 29 -1.25 4.29 -3.72
CA LEU A 29 -0.10 3.58 -3.17
C LEU A 29 -0.54 2.24 -2.59
N HIS A 30 -0.02 1.16 -3.19
CA HIS A 30 -0.28 -0.20 -2.74
C HIS A 30 0.39 -0.48 -1.37
N GLY A 31 0.04 -1.62 -0.78
CA GLY A 31 0.68 -2.12 0.44
C GLY A 31 1.82 -3.12 0.17
N LEU A 32 2.39 -3.71 1.24
CA LEU A 32 3.55 -4.58 1.11
C LEU A 32 3.25 -5.79 0.19
N TYR A 33 4.20 -6.12 -0.70
CA TYR A 33 4.03 -7.21 -1.66
C TYR A 33 3.06 -6.87 -2.81
N GLY A 34 2.47 -5.66 -2.84
CA GLY A 34 1.56 -5.29 -3.92
C GLY A 34 2.27 -4.49 -5.00
N SER A 35 1.52 -4.03 -6.01
CA SER A 35 1.99 -3.03 -6.96
C SER A 35 0.80 -2.24 -7.50
N GLY A 36 1.07 -1.32 -8.42
CA GLY A 36 0.02 -0.57 -9.07
C GLY A 36 -0.95 -1.49 -9.81
N ASP A 37 -0.44 -2.63 -10.30
CA ASP A 37 -1.26 -3.62 -11.01
C ASP A 37 -2.47 -4.09 -10.22
N ASN A 38 -2.38 -4.09 -8.89
CA ASN A 38 -3.53 -4.57 -8.12
C ASN A 38 -4.64 -3.50 -8.10
N TRP A 39 -4.37 -2.29 -8.63
CA TRP A 39 -5.32 -1.19 -8.58
C TRP A 39 -5.93 -0.92 -9.96
N ILE A 40 -5.67 -1.81 -10.95
CA ILE A 40 -6.09 -1.61 -12.35
C ILE A 40 -7.60 -1.43 -12.43
N SER A 41 -8.34 -2.33 -11.82
CA SER A 41 -9.78 -2.37 -11.89
C SER A 41 -10.42 -1.16 -11.19
N ILE A 42 -9.86 -0.70 -10.06
CA ILE A 42 -10.37 0.49 -9.37
C ILE A 42 -10.03 1.78 -10.14
N ALA A 43 -8.82 1.85 -10.71
CA ALA A 43 -8.37 3.00 -11.49
C ALA A 43 -9.16 3.09 -12.80
N ASN A 44 -9.72 1.93 -13.20
CA ASN A 44 -10.54 1.86 -14.40
C ASN A 44 -11.78 2.73 -14.24
N GLU A 45 -12.50 2.63 -13.12
CA GLU A 45 -13.57 3.56 -12.77
C GLU A 45 -13.08 4.98 -12.43
N LEU A 46 -12.06 5.11 -11.55
CA LEU A 46 -11.62 6.42 -11.05
C LEU A 46 -11.08 7.34 -12.15
N LYS A 47 -10.55 6.78 -13.25
CA LYS A 47 -9.93 7.57 -14.31
C LYS A 47 -10.94 8.44 -15.08
N ASP A 48 -12.26 8.17 -14.97
CA ASP A 48 -13.23 9.06 -15.60
C ASP A 48 -13.26 10.42 -14.90
N TYR A 49 -12.78 10.51 -13.64
CA TYR A 49 -12.94 11.75 -12.90
C TYR A 49 -11.60 12.36 -12.50
N PHE A 50 -10.53 11.57 -12.55
CA PHE A 50 -9.26 12.03 -11.99
C PHE A 50 -8.14 11.61 -12.93
N GLN A 51 -6.96 12.21 -12.74
CA GLN A 51 -5.74 11.78 -13.40
C GLN A 51 -5.03 10.83 -12.44
N VAL A 52 -5.28 9.53 -12.61
CA VAL A 52 -4.84 8.55 -11.64
C VAL A 52 -3.42 8.08 -11.93
N TYR A 53 -2.56 8.15 -10.90
CA TYR A 53 -1.19 7.64 -10.96
C TYR A 53 -1.06 6.38 -10.11
N LEU A 54 -0.77 5.26 -10.78
CA LEU A 54 -0.56 3.98 -10.11
C LEU A 54 0.95 3.81 -9.96
N ILE A 55 1.40 4.00 -8.71
CA ILE A 55 2.81 4.07 -8.36
C ILE A 55 3.21 2.71 -7.81
N ASP A 56 4.41 2.23 -8.22
CA ASP A 56 5.06 1.07 -7.60
C ASP A 56 6.02 1.67 -6.56
N GLN A 57 5.89 1.29 -5.29
CA GLN A 57 6.78 1.86 -4.29
C GLN A 57 8.14 1.14 -4.31
N ARG A 58 9.15 1.74 -3.65
CA ARG A 58 10.48 1.14 -3.59
C ARG A 58 10.40 -0.34 -3.18
N ASN A 59 11.20 -1.17 -3.87
CA ASN A 59 11.36 -2.61 -3.65
C ASN A 59 10.18 -3.42 -4.20
N HIS A 60 9.31 -2.75 -4.98
CA HIS A 60 8.06 -3.36 -5.43
C HIS A 60 7.89 -3.14 -6.93
N GLY A 61 7.22 -4.12 -7.55
CA GLY A 61 6.84 -4.08 -8.95
C GLY A 61 8.05 -3.82 -9.84
N ARG A 62 8.00 -2.73 -10.61
CA ARG A 62 9.10 -2.36 -11.48
C ARG A 62 9.92 -1.22 -10.88
N SER A 63 9.68 -0.86 -9.61
CA SER A 63 10.44 0.25 -9.05
C SER A 63 11.85 -0.20 -8.58
N PRO A 64 12.81 0.74 -8.38
CA PRO A 64 14.17 0.39 -7.99
C PRO A 64 14.23 -0.18 -6.58
N HIS A 65 15.26 -0.99 -6.32
CA HIS A 65 15.52 -1.65 -5.06
C HIS A 65 16.43 -0.77 -4.21
N ALA A 66 16.29 -0.91 -2.89
CA ALA A 66 17.10 -0.25 -1.86
C ALA A 66 16.97 -1.04 -0.56
N ASP A 67 17.88 -0.79 0.40
CA ASP A 67 17.96 -1.54 1.64
C ASP A 67 17.03 -0.92 2.68
N ASP A 68 17.08 0.40 2.78
CA ASP A 68 16.18 1.18 3.62
C ASP A 68 14.79 1.27 2.96
N MET A 69 13.78 0.88 3.74
CA MET A 69 12.37 0.98 3.41
C MET A 69 11.60 1.67 4.54
N SER A 70 12.22 2.64 5.21
CA SER A 70 11.54 3.38 6.26
C SER A 70 10.45 4.26 5.62
N TYR A 71 9.47 4.74 6.42
CA TYR A 71 8.34 5.50 5.93
C TYR A 71 8.85 6.87 5.53
N GLU A 72 9.95 7.25 6.17
CA GLU A 72 10.59 8.51 5.85
C GLU A 72 11.07 8.49 4.39
N SER A 73 11.70 7.37 4.00
CA SER A 73 12.33 7.28 2.69
C SER A 73 11.25 7.11 1.63
N MET A 74 10.23 6.28 1.95
CA MET A 74 9.10 6.03 1.06
C MET A 74 8.31 7.31 0.85
N ALA A 75 8.16 8.14 1.92
CA ALA A 75 7.53 9.45 1.86
C ALA A 75 8.29 10.37 0.93
N GLU A 76 9.64 10.26 0.98
CA GLU A 76 10.49 11.11 0.17
C GLU A 76 10.38 10.73 -1.31
N ASP A 77 10.39 9.43 -1.58
CA ASP A 77 10.09 8.87 -2.91
C ASP A 77 8.81 9.46 -3.48
N LEU A 78 7.76 9.47 -2.65
CA LEU A 78 6.47 10.06 -3.00
C LEU A 78 6.64 11.54 -3.30
N HIS A 79 7.33 12.26 -2.39
CA HIS A 79 7.53 13.72 -2.54
C HIS A 79 8.27 14.07 -3.85
N GLU A 80 9.33 13.30 -4.13
CA GLU A 80 10.11 13.44 -5.35
C GLU A 80 9.28 13.13 -6.60
N PHE A 81 8.48 12.06 -6.56
CA PHE A 81 7.55 11.74 -7.65
C PHE A 81 6.62 12.91 -7.97
N ILE A 82 6.06 13.52 -6.93
CA ILE A 82 5.13 14.63 -7.08
C ILE A 82 5.85 15.84 -7.70
N LYS A 83 7.13 16.04 -7.32
CA LYS A 83 7.96 17.10 -7.88
C LYS A 83 8.19 16.85 -9.37
N SER A 84 8.69 15.66 -9.71
CA SER A 84 9.09 15.35 -11.08
C SER A 84 7.91 15.31 -12.07
N GLN A 85 6.66 15.37 -11.58
CA GLN A 85 5.48 15.34 -12.43
C GLN A 85 4.79 16.70 -12.39
N ASN A 86 5.35 17.64 -11.62
CA ASN A 86 4.85 19.01 -11.50
C ASN A 86 3.44 19.11 -10.96
N LEU A 87 3.11 18.28 -9.95
CA LEU A 87 1.78 18.29 -9.38
C LEU A 87 1.81 19.23 -8.18
N GLU A 88 0.86 20.17 -8.14
CA GLU A 88 0.76 21.17 -7.09
C GLU A 88 0.16 20.56 -5.83
N SER A 89 -1.04 19.97 -5.99
CA SER A 89 -1.74 19.37 -4.87
C SER A 89 -2.53 18.15 -5.35
N VAL A 90 -2.56 17.12 -4.51
CA VAL A 90 -2.98 15.81 -4.97
C VAL A 90 -3.93 15.17 -3.99
N ASN A 91 -4.80 14.32 -4.55
CA ASN A 91 -5.54 13.35 -3.76
C ASN A 91 -4.67 12.10 -3.64
N ILE A 92 -4.83 11.37 -2.55
CA ILE A 92 -4.03 10.19 -2.28
C ILE A 92 -4.92 9.13 -1.68
N ILE A 93 -4.78 7.90 -2.20
CA ILE A 93 -5.25 6.69 -1.57
C ILE A 93 -4.03 5.81 -1.23
N GLY A 94 -3.93 5.37 0.03
CA GLY A 94 -2.84 4.50 0.46
C GLY A 94 -3.43 3.31 1.21
N HIS A 95 -3.15 2.12 0.71
CA HIS A 95 -3.61 0.87 1.30
C HIS A 95 -2.48 0.31 2.17
N SER A 96 -2.80 0.10 3.45
CA SER A 96 -1.89 -0.50 4.42
C SER A 96 -0.53 0.21 4.45
N MET A 97 0.53 -0.49 4.04
CA MET A 97 1.85 0.13 4.07
C MET A 97 1.78 1.43 3.29
N GLY A 98 1.07 1.39 2.17
CA GLY A 98 0.85 2.58 1.33
C GLY A 98 0.10 3.69 2.08
N GLY A 99 -0.77 3.26 3.00
CA GLY A 99 -1.51 4.20 3.83
C GLY A 99 -0.64 4.92 4.87
N LYS A 100 0.36 4.22 5.43
CA LYS A 100 1.28 4.87 6.38
C LYS A 100 2.19 5.85 5.65
N THR A 101 2.71 5.45 4.48
CA THR A 101 3.50 6.38 3.67
C THR A 101 2.69 7.64 3.42
N ALA A 102 1.40 7.45 3.09
CA ALA A 102 0.58 8.58 2.70
C ALA A 102 0.36 9.50 3.91
N MET A 103 0.08 8.90 5.09
CA MET A 103 -0.09 9.66 6.32
C MET A 103 1.21 10.41 6.68
N TRP A 104 2.38 9.73 6.58
CA TRP A 104 3.69 10.36 6.80
CA TRP A 104 3.69 10.36 6.79
C TRP A 104 3.85 11.56 5.88
N PHE A 105 3.67 11.33 4.56
CA PHE A 105 3.80 12.38 3.56
C PHE A 105 2.86 13.57 3.82
N THR A 106 1.61 13.28 4.23
CA THR A 106 0.56 14.28 4.38
C THR A 106 0.84 15.18 5.59
N ALA A 107 1.24 14.59 6.71
CA ALA A 107 1.66 15.31 7.91
C ALA A 107 2.90 16.20 7.62
N ALA A 108 3.93 15.65 6.95
CA ALA A 108 5.11 16.40 6.51
C ALA A 108 4.82 17.47 5.48
N HIS A 109 3.78 17.28 4.63
CA HIS A 109 3.53 18.22 3.53
C HIS A 109 2.04 18.46 3.30
N PRO A 110 1.26 18.93 4.29
CA PRO A 110 -0.20 18.96 4.18
C PRO A 110 -0.67 19.85 3.04
N ASP A 111 0.23 20.76 2.62
CA ASP A 111 -0.08 21.81 1.67
C ASP A 111 -0.14 21.21 0.27
N LYS A 112 0.50 20.04 0.08
CA LYS A 112 0.47 19.32 -1.18
C LYS A 112 -0.69 18.30 -1.24
N VAL A 113 -1.47 18.15 -0.16
CA VAL A 113 -2.51 17.12 -0.22
C VAL A 113 -3.90 17.74 -0.17
N LYS A 114 -4.76 17.36 -1.11
CA LYS A 114 -6.11 17.90 -1.11
C LYS A 114 -6.96 17.06 -0.17
N LYS A 115 -6.99 15.73 -0.38
CA LYS A 115 -7.77 14.88 0.50
C LYS A 115 -7.05 13.54 0.58
N LEU A 116 -7.24 12.83 1.69
CA LEU A 116 -6.48 11.62 1.92
C LEU A 116 -7.41 10.44 2.18
N ILE A 117 -7.18 9.33 1.46
CA ILE A 117 -7.93 8.13 1.83
C ILE A 117 -6.95 7.09 2.35
N VAL A 118 -7.20 6.57 3.56
CA VAL A 118 -6.39 5.53 4.17
C VAL A 118 -7.18 4.22 4.29
N ALA A 119 -6.73 3.18 3.55
CA ALA A 119 -7.43 1.89 3.45
C ALA A 119 -6.85 0.85 4.42
N ASP A 120 -7.63 0.56 5.46
CA ASP A 120 -7.45 -0.54 6.40
C ASP A 120 -6.07 -0.59 7.07
N ILE A 121 -5.64 0.51 7.70
CA ILE A 121 -4.48 0.56 8.57
C ILE A 121 -4.60 1.77 9.49
N ALA A 122 -4.03 1.66 10.70
CA ALA A 122 -4.15 2.75 11.66
C ALA A 122 -2.81 3.47 11.75
N PRO A 123 -2.72 4.71 12.26
CA PRO A 123 -1.44 5.36 12.35
C PRO A 123 -0.45 4.73 13.33
N GLY A 124 -0.93 3.92 14.27
CA GLY A 124 -0.08 3.48 15.37
C GLY A 124 0.68 2.17 15.13
N LYS A 125 1.54 1.82 16.09
CA LYS A 125 2.43 0.68 15.98
C LYS A 125 1.64 -0.58 16.27
N TYR A 126 1.97 -1.65 15.52
CA TYR A 126 1.45 -2.99 15.74
C TYR A 126 2.55 -3.80 16.44
N ASP A 127 2.20 -4.55 17.50
CA ASP A 127 3.18 -5.34 18.22
C ASP A 127 3.08 -6.81 17.81
N THR A 128 3.85 -7.69 18.47
CA THR A 128 4.09 -9.03 17.95
C THR A 128 2.87 -9.94 18.19
N THR A 129 2.00 -9.55 19.13
CA THR A 129 0.82 -10.36 19.44
C THR A 129 -0.24 -10.18 18.36
N SER A 130 -0.12 -9.07 17.63
CA SER A 130 -1.08 -8.67 16.62
C SER A 130 -1.03 -9.67 15.48
N PRO A 131 -2.19 -9.99 14.86
CA PRO A 131 -2.21 -10.75 13.61
C PRO A 131 -1.57 -10.04 12.40
N ASN A 132 -1.43 -8.71 12.46
CA ASN A 132 -0.70 -8.00 11.44
C ASN A 132 0.75 -8.47 11.43
N VAL A 133 1.43 -8.36 12.59
CA VAL A 133 2.84 -8.70 12.70
C VAL A 133 3.02 -10.19 12.41
N LYS A 134 2.11 -11.01 12.92
CA LYS A 134 2.18 -12.46 12.81
C LYS A 134 2.11 -12.89 11.36
N THR A 135 1.17 -12.29 10.62
CA THR A 135 0.91 -12.70 9.25
C THR A 135 2.09 -12.30 8.39
N HIS A 136 2.66 -11.12 8.66
CA HIS A 136 3.83 -10.67 7.92
C HIS A 136 5.01 -11.60 8.19
N LYS A 137 5.20 -12.01 9.45
CA LYS A 137 6.27 -12.91 9.85
C LYS A 137 6.19 -14.23 9.06
N LYS A 138 4.99 -14.79 8.99
CA LYS A 138 4.72 -15.96 8.17
C LYS A 138 5.11 -15.74 6.70
N ILE A 139 4.53 -14.72 6.04
CA ILE A 139 4.77 -14.42 4.62
C ILE A 139 6.26 -14.33 4.34
N ILE A 140 7.03 -13.63 5.18
CA ILE A 140 8.45 -13.46 4.93
C ILE A 140 9.13 -14.83 4.89
N ALA A 141 8.87 -15.63 5.91
CA ALA A 141 9.43 -16.96 6.06
C ALA A 141 9.17 -17.76 4.79
N ALA A 142 7.90 -17.77 4.34
CA ALA A 142 7.47 -18.42 3.13
C ALA A 142 8.35 -18.02 1.93
N LEU A 143 8.52 -16.71 1.75
CA LEU A 143 9.17 -16.15 0.57
C LEU A 143 10.67 -16.41 0.60
N LYS A 144 11.27 -16.27 1.81
CA LYS A 144 12.70 -16.48 2.03
C LYS A 144 13.07 -17.93 1.70
N SER A 145 12.09 -18.83 1.80
CA SER A 145 12.28 -20.28 1.79
C SER A 145 11.97 -20.87 0.41
N ILE A 146 11.39 -20.05 -0.48
CA ILE A 146 11.23 -20.45 -1.87
C ILE A 146 12.49 -20.03 -2.62
N ASP A 147 13.06 -20.97 -3.40
CA ASP A 147 14.17 -20.71 -4.29
C ASP A 147 13.65 -20.62 -5.73
N PRO A 148 13.49 -19.39 -6.27
CA PRO A 148 13.00 -19.22 -7.64
C PRO A 148 14.01 -19.65 -8.69
N SER A 149 15.30 -19.60 -8.31
CA SER A 149 16.45 -19.89 -9.15
C SER A 149 16.45 -21.36 -9.59
N GLU A 150 15.71 -22.19 -8.86
CA GLU A 150 15.56 -23.61 -9.18
C GLU A 150 14.78 -23.77 -10.49
N ALA A 151 14.10 -22.68 -10.90
CA ALA A 151 13.59 -22.48 -12.25
C ALA A 151 12.41 -23.39 -12.58
N LYS A 152 11.81 -24.02 -11.55
CA LYS A 152 10.62 -24.82 -11.74
C LYS A 152 9.46 -23.89 -12.11
N THR A 153 8.53 -24.41 -12.93
CA THR A 153 7.45 -23.62 -13.52
C THR A 153 6.56 -23.00 -12.42
N ARG A 154 5.79 -21.98 -12.80
CA ARG A 154 5.06 -21.16 -11.84
C ARG A 154 3.92 -21.96 -11.19
N LYS A 155 3.62 -23.14 -11.74
CA LYS A 155 2.66 -24.05 -11.12
C LYS A 155 3.31 -24.74 -9.92
N GLU A 156 4.64 -24.91 -9.97
CA GLU A 156 5.38 -25.57 -8.91
C GLU A 156 5.48 -24.65 -7.69
N ILE A 157 5.87 -23.39 -7.95
CA ILE A 157 5.98 -22.35 -6.92
C ILE A 157 4.65 -22.27 -6.18
N GLU A 158 3.55 -22.44 -6.92
CA GLU A 158 2.20 -22.36 -6.39
C GLU A 158 1.97 -23.47 -5.38
N THR A 159 2.33 -24.71 -5.75
CA THR A 159 2.13 -25.89 -4.92
C THR A 159 3.09 -25.89 -3.73
N GLN A 160 4.23 -25.22 -3.88
CA GLN A 160 5.18 -25.01 -2.79
C GLN A 160 4.59 -24.11 -1.73
N LEU A 161 3.93 -23.02 -2.16
CA LEU A 161 3.29 -22.04 -1.29
C LEU A 161 1.98 -22.60 -0.75
N SER A 162 1.49 -23.69 -1.36
CA SER A 162 0.27 -24.38 -0.96
C SER A 162 0.41 -24.90 0.47
N ARG A 163 1.64 -25.29 0.82
CA ARG A 163 1.95 -25.91 2.10
C ARG A 163 2.08 -24.83 3.18
N TYR A 164 2.52 -23.63 2.77
CA TYR A 164 2.84 -22.54 3.68
C TYR A 164 1.59 -21.77 4.09
N ILE A 165 0.90 -21.16 3.11
CA ILE A 165 -0.30 -20.39 3.39
C ILE A 165 -1.46 -20.95 2.56
N ASP A 166 -2.67 -20.93 3.14
CA ASP A 166 -3.83 -21.60 2.60
C ASP A 166 -4.58 -20.70 1.62
N ASN A 167 -4.99 -19.51 2.10
CA ASN A 167 -5.76 -18.55 1.33
C ASN A 167 -5.14 -18.42 -0.07
N VAL A 168 -5.93 -18.79 -1.08
CA VAL A 168 -5.42 -18.86 -2.44
C VAL A 168 -5.19 -17.46 -3.00
N GLN A 169 -6.05 -16.52 -2.58
CA GLN A 169 -5.95 -15.13 -3.02
C GLN A 169 -4.62 -14.56 -2.55
N LEU A 170 -4.27 -14.80 -1.28
CA LEU A 170 -2.98 -14.43 -0.71
C LEU A 170 -1.84 -15.08 -1.51
N ARG A 171 -2.03 -16.36 -1.84
CA ARG A 171 -1.05 -17.14 -2.58
C ARG A 171 -0.76 -16.48 -3.93
N MET A 172 -1.80 -16.20 -4.74
CA MET A 172 -1.61 -15.62 -6.07
C MET A 172 -1.20 -14.15 -5.99
N PHE A 173 -1.68 -13.45 -4.94
CA PHE A 173 -1.27 -12.10 -4.59
C PHE A 173 0.26 -12.05 -4.51
N LEU A 174 0.81 -12.99 -3.73
CA LEU A 174 2.25 -13.08 -3.55
C LEU A 174 2.95 -13.52 -4.82
N LEU A 175 2.30 -14.41 -5.58
CA LEU A 175 2.87 -15.03 -6.76
C LEU A 175 2.83 -14.06 -7.94
N LYS A 176 2.15 -12.92 -7.78
CA LYS A 176 2.26 -11.94 -8.84
C LYS A 176 3.65 -11.34 -8.78
N ASN A 177 4.45 -11.65 -7.74
CA ASN A 177 5.76 -11.03 -7.54
C ASN A 177 6.88 -11.87 -8.12
N ILE A 178 6.52 -13.06 -8.60
CA ILE A 178 7.51 -13.87 -9.28
C ILE A 178 7.43 -13.64 -10.79
N GLU A 179 8.57 -13.30 -11.41
CA GLU A 179 8.65 -12.97 -12.83
C GLU A 179 9.68 -13.87 -13.53
N ARG A 180 9.74 -13.83 -14.87
CA ARG A 180 10.73 -14.55 -15.67
C ARG A 180 11.97 -13.67 -15.86
N LYS A 181 13.16 -14.28 -15.82
CA LYS A 181 14.42 -13.55 -15.96
C LYS A 181 15.01 -13.79 -17.35
N GLU A 182 16.19 -13.19 -17.61
CA GLU A 182 16.81 -13.13 -18.92
C GLU A 182 17.42 -14.48 -19.30
N ASP A 183 17.83 -15.26 -18.29
CA ASP A 183 18.37 -16.60 -18.47
C ASP A 183 17.23 -17.59 -18.74
N GLY A 184 16.01 -17.23 -18.33
CA GLY A 184 14.86 -18.12 -18.42
C GLY A 184 14.40 -18.59 -17.04
N CYS A 185 15.31 -18.53 -16.06
CA CYS A 185 15.04 -18.90 -14.67
C CYS A 185 14.17 -17.83 -14.00
N TYR A 186 13.29 -18.27 -13.09
CA TYR A 186 12.39 -17.40 -12.34
C TYR A 186 13.16 -16.65 -11.25
N ARG A 187 12.58 -15.52 -10.81
CA ARG A 187 13.16 -14.65 -9.80
C ARG A 187 12.05 -13.85 -9.11
N TRP A 188 12.32 -13.44 -7.86
CA TRP A 188 11.47 -12.47 -7.20
C TRP A 188 11.78 -11.09 -7.78
N LYS A 189 10.74 -10.32 -8.10
CA LYS A 189 10.99 -8.96 -8.53
C LYS A 189 11.08 -8.02 -7.33
N ILE A 190 10.53 -8.45 -6.20
CA ILE A 190 10.56 -7.69 -4.94
C ILE A 190 11.82 -7.98 -4.11
N ASN A 191 12.32 -6.94 -3.44
CA ASN A 191 13.47 -7.01 -2.54
C ASN A 191 13.08 -7.58 -1.19
N ILE A 192 12.86 -8.90 -1.16
CA ILE A 192 12.47 -9.66 0.02
C ILE A 192 13.45 -9.41 1.17
N ASP A 193 14.73 -9.23 0.87
CA ASP A 193 15.72 -9.05 1.91
C ASP A 193 15.51 -7.72 2.62
N SER A 194 15.35 -6.65 1.85
CA SER A 194 15.10 -5.34 2.43
C SER A 194 13.80 -5.37 3.25
N ILE A 195 12.78 -6.05 2.71
CA ILE A 195 11.49 -6.14 3.40
C ILE A 195 11.68 -6.76 4.80
N GLU A 196 12.34 -7.92 4.85
CA GLU A 196 12.63 -8.65 6.08
C GLU A 196 13.38 -7.78 7.08
N LYS A 197 14.42 -7.08 6.62
CA LYS A 197 15.23 -6.29 7.51
C LYS A 197 14.62 -4.89 7.73
N ASN A 198 13.32 -4.74 7.38
CA ASN A 198 12.62 -3.50 7.66
C ASN A 198 11.26 -3.74 8.31
N ILE A 199 10.98 -4.98 8.72
CA ILE A 199 9.67 -5.32 9.29
C ILE A 199 9.30 -4.47 10.52
N ILE A 200 10.28 -4.05 11.30
CA ILE A 200 10.01 -3.20 12.45
C ILE A 200 9.59 -1.79 11.97
N ASN A 201 10.33 -1.27 10.98
CA ASN A 201 10.09 0.01 10.33
C ASN A 201 8.67 0.05 9.75
N ILE A 202 8.25 -1.09 9.21
CA ILE A 202 7.04 -1.20 8.42
C ILE A 202 5.84 -1.26 9.38
N MET A 203 6.05 -1.85 10.58
CA MET A 203 4.97 -2.06 11.54
C MET A 203 4.91 -0.96 12.61
N SER A 204 5.79 0.04 12.50
CA SER A 204 5.93 1.10 13.49
C SER A 204 4.86 2.18 13.33
N GLY A 205 4.60 2.89 14.45
CA GLY A 205 3.58 3.91 14.56
C GLY A 205 4.12 5.25 14.10
N ILE A 206 3.21 6.16 13.70
CA ILE A 206 3.62 7.48 13.26
CA ILE A 206 3.62 7.48 13.26
C ILE A 206 3.95 8.31 14.49
N THR A 207 5.18 8.83 14.52
CA THR A 207 5.62 9.70 15.60
C THR A 207 6.42 10.84 14.98
N GLY A 208 6.48 11.94 15.73
CA GLY A 208 7.35 13.07 15.45
C GLY A 208 6.76 14.02 14.42
N ILE A 209 5.43 14.15 14.44
CA ILE A 209 4.74 14.93 13.42
C ILE A 209 4.03 16.09 14.12
N ASP A 210 3.94 17.20 13.40
CA ASP A 210 3.18 18.37 13.79
C ASP A 210 1.68 18.01 13.68
N ILE A 211 1.02 17.81 14.83
CA ILE A 211 -0.39 17.52 15.02
C ILE A 211 -1.05 18.84 15.41
N PRO A 212 -2.31 19.15 15.03
CA PRO A 212 -3.11 18.33 14.10
C PRO A 212 -2.75 18.57 12.63
N VAL A 213 -3.08 17.58 11.78
CA VAL A 213 -2.95 17.76 10.34
C VAL A 213 -4.29 18.27 9.80
N HIS A 214 -4.25 19.43 9.13
CA HIS A 214 -5.43 20.09 8.57
C HIS A 214 -5.70 19.62 7.14
N VAL A 215 -5.94 18.31 6.97
CA VAL A 215 -6.24 17.74 5.66
C VAL A 215 -7.45 16.84 5.89
N PRO A 216 -8.53 16.92 5.08
CA PRO A 216 -9.64 15.97 5.18
C PRO A 216 -9.17 14.52 4.93
N ALA A 217 -9.52 13.59 5.80
CA ALA A 217 -9.06 12.23 5.64
C ALA A 217 -10.24 11.27 5.77
N LEU A 218 -10.14 10.15 5.05
CA LEU A 218 -11.10 9.05 5.13
C LEU A 218 -10.38 7.75 5.46
N PHE A 219 -10.77 7.10 6.58
CA PHE A 219 -10.27 5.78 6.92
C PHE A 219 -11.34 4.77 6.54
N LEU A 220 -10.98 3.87 5.61
CA LEU A 220 -11.85 2.79 5.22
C LEU A 220 -11.38 1.49 5.88
N LYS A 221 -12.22 0.93 6.73
CA LYS A 221 -11.98 -0.26 7.51
C LYS A 221 -12.68 -1.45 6.85
N GLY A 222 -11.99 -2.58 6.70
CA GLY A 222 -12.68 -3.82 6.35
C GLY A 222 -13.39 -4.40 7.57
N GLU A 223 -14.66 -4.78 7.41
CA GLU A 223 -15.46 -5.33 8.51
C GLU A 223 -14.78 -6.53 9.15
N LEU A 224 -14.25 -7.45 8.32
CA LEU A 224 -13.65 -8.70 8.78
C LEU A 224 -12.15 -8.58 9.01
N SER A 225 -11.65 -7.35 9.12
CA SER A 225 -10.24 -7.12 9.45
C SER A 225 -10.14 -6.37 10.77
N ASP A 226 -8.99 -6.53 11.42
CA ASP A 226 -8.73 -5.95 12.73
C ASP A 226 -7.52 -5.04 12.68
N TYR A 227 -7.18 -4.52 11.50
CA TYR A 227 -6.10 -3.53 11.41
C TYR A 227 -6.53 -2.22 12.06
N ILE A 228 -7.83 -1.88 11.95
CA ILE A 228 -8.39 -0.73 12.65
C ILE A 228 -9.44 -1.22 13.66
N THR A 229 -9.30 -0.82 14.93
CA THR A 229 -10.28 -1.13 15.96
C THR A 229 -10.66 0.17 16.65
N ASP A 230 -11.43 0.05 17.73
CA ASP A 230 -12.07 1.19 18.37
C ASP A 230 -11.05 1.96 19.22
N LYS A 231 -9.96 1.29 19.62
CA LYS A 231 -8.88 1.97 20.32
C LYS A 231 -8.02 2.79 19.37
N ASP A 232 -8.16 2.56 18.06
CA ASP A 232 -7.46 3.31 17.03
C ASP A 232 -8.09 4.69 16.84
N ILE A 233 -9.41 4.81 17.06
CA ILE A 233 -10.11 6.06 16.84
C ILE A 233 -9.46 7.23 17.59
N PRO A 234 -9.05 7.10 18.87
CA PRO A 234 -8.42 8.22 19.58
C PRO A 234 -7.18 8.82 18.90
N LEU A 235 -6.22 7.99 18.49
CA LEU A 235 -5.03 8.49 17.80
C LEU A 235 -5.35 8.99 16.39
N ILE A 236 -6.20 8.27 15.61
CA ILE A 236 -6.69 8.76 14.32
C ILE A 236 -7.18 10.20 14.47
N LYS A 237 -8.04 10.46 15.47
CA LYS A 237 -8.70 11.75 15.67
C LYS A 237 -7.74 12.84 16.15
N GLU A 238 -6.71 12.45 16.93
CA GLU A 238 -5.65 13.33 17.39
C GLU A 238 -4.87 13.86 16.20
N ILE A 239 -4.49 12.96 15.28
CA ILE A 239 -3.75 13.40 14.09
C ILE A 239 -4.67 14.12 13.10
N PHE A 240 -5.86 13.54 12.83
CA PHE A 240 -6.79 14.07 11.83
C PHE A 240 -8.15 14.33 12.49
N PRO A 241 -8.37 15.51 13.11
CA PRO A 241 -9.55 15.75 13.95
C PRO A 241 -10.90 15.57 13.25
N ASP A 242 -10.94 15.88 11.96
CA ASP A 242 -12.17 15.79 11.20
C ASP A 242 -12.20 14.53 10.31
N ALA A 243 -11.39 13.52 10.64
CA ALA A 243 -11.32 12.29 9.87
C ALA A 243 -12.68 11.58 9.85
N LYS A 244 -12.97 10.87 8.76
CA LYS A 244 -14.16 10.05 8.78
C LYS A 244 -13.73 8.60 8.72
N LEU A 245 -14.44 7.72 9.43
CA LEU A 245 -14.22 6.28 9.47
C LEU A 245 -15.43 5.57 8.85
N VAL A 246 -15.18 4.66 7.90
CA VAL A 246 -16.26 4.00 7.21
C VAL A 246 -15.87 2.52 7.11
N THR A 247 -16.79 1.65 7.53
CA THR A 247 -16.62 0.20 7.47
C THR A 247 -17.29 -0.34 6.22
N ILE A 248 -16.51 -0.98 5.33
CA ILE A 248 -17.06 -1.67 4.17
C ILE A 248 -17.50 -3.06 4.63
N PRO A 249 -18.82 -3.38 4.62
CA PRO A 249 -19.32 -4.72 5.01
C PRO A 249 -18.73 -5.90 4.24
N GLY A 250 -18.38 -6.97 4.97
CA GLY A 250 -18.01 -8.23 4.34
C GLY A 250 -16.65 -8.18 3.65
N ALA A 251 -15.79 -7.23 4.04
CA ALA A 251 -14.45 -7.21 3.46
C ALA A 251 -13.39 -7.28 4.55
N GLY A 252 -12.27 -7.94 4.19
CA GLY A 252 -11.13 -8.08 5.09
C GLY A 252 -10.10 -6.97 4.86
N HIS A 253 -8.83 -7.36 4.82
CA HIS A 253 -7.75 -6.42 4.71
C HIS A 253 -7.56 -5.92 3.27
N TRP A 254 -7.88 -6.75 2.26
CA TRP A 254 -7.79 -6.38 0.86
C TRP A 254 -9.18 -5.99 0.38
N LEU A 255 -9.75 -4.96 1.01
CA LEU A 255 -11.14 -4.60 0.82
C LEU A 255 -11.42 -4.09 -0.61
N HIS A 256 -10.39 -3.60 -1.29
CA HIS A 256 -10.63 -3.04 -2.62
C HIS A 256 -10.65 -4.13 -3.70
N ALA A 257 -10.04 -5.27 -3.38
CA ALA A 257 -10.04 -6.41 -4.28
C ALA A 257 -11.30 -7.23 -4.02
N GLN A 258 -11.73 -7.30 -2.76
CA GLN A 258 -12.88 -8.12 -2.38
C GLN A 258 -14.21 -7.42 -2.65
N GLN A 259 -14.29 -6.10 -2.38
CA GLN A 259 -15.51 -5.33 -2.54
C GLN A 259 -15.24 -4.08 -3.36
N PRO A 260 -14.75 -4.18 -4.63
CA PRO A 260 -14.32 -3.00 -5.38
C PRO A 260 -15.41 -1.98 -5.64
N LYS A 261 -16.64 -2.45 -5.84
CA LYS A 261 -17.76 -1.60 -6.17
C LYS A 261 -18.01 -0.68 -4.98
N ILE A 262 -18.05 -1.24 -3.77
CA ILE A 262 -18.24 -0.41 -2.59
C ILE A 262 -16.99 0.47 -2.35
N PHE A 263 -15.80 0.03 -2.81
CA PHE A 263 -14.61 0.83 -2.59
C PHE A 263 -14.73 2.14 -3.37
N ILE A 264 -15.18 2.02 -4.61
CA ILE A 264 -15.30 3.13 -5.53
C ILE A 264 -16.38 4.10 -5.05
N GLN A 265 -17.46 3.53 -4.51
CA GLN A 265 -18.58 4.30 -4.01
C GLN A 265 -18.10 5.24 -2.92
N LYS A 266 -17.48 4.70 -1.87
CA LYS A 266 -17.03 5.48 -0.72
C LYS A 266 -15.97 6.52 -1.08
N THR A 267 -15.07 6.17 -2.02
CA THR A 267 -14.03 7.03 -2.57
C THR A 267 -14.67 8.20 -3.32
N LEU A 268 -15.67 7.94 -4.19
CA LEU A 268 -16.25 8.99 -5.01
C LEU A 268 -17.18 9.90 -4.20
N GLU A 269 -17.75 9.39 -3.11
CA GLU A 269 -18.56 10.23 -2.24
C GLU A 269 -17.68 11.16 -1.38
N PHE A 270 -16.40 10.82 -1.16
CA PHE A 270 -15.49 11.60 -0.31
C PHE A 270 -14.67 12.59 -1.13
N LEU A 271 -14.03 12.17 -2.23
CA LEU A 271 -13.14 13.04 -2.98
C LEU A 271 -13.91 14.10 -3.76
C1 EDO B . -4.45 21.91 -0.93
O1 EDO B . -5.87 21.76 -0.96
C2 EDO B . -4.00 22.27 0.44
O2 EDO B . -3.83 21.19 1.36
C1 EDO C . 8.20 22.05 -1.92
O1 EDO C . 7.08 21.18 -1.80
C2 EDO C . 9.32 21.74 -0.98
O2 EDO C . 10.40 21.05 -1.59
C ACT D . 0.86 -4.26 4.37
O ACT D . -0.05 -5.10 4.22
OXT ACT D . 1.07 -3.33 3.56
CH3 ACT D . 1.79 -4.31 5.61
S SO4 E . -2.29 -4.03 -2.86
O1 SO4 E . -1.44 -4.11 -4.02
O2 SO4 E . -1.63 -4.66 -1.74
O3 SO4 E . -2.54 -2.64 -2.52
O4 SO4 E . -3.54 -4.68 -3.13
#